data_6P7B
#
_entry.id   6P7B
#
_cell.length_a   143.510
_cell.length_b   143.510
_cell.length_c   56.545
_cell.angle_alpha   90.00
_cell.angle_beta   90.00
_cell.angle_gamma   90.00
#
_symmetry.space_group_name_H-M   'P 4'
#
loop_
_entity.id
_entity.type
_entity.pdbx_description
1 polymer 'Holliday junction resolvase'
2 polymer 'DNA (29-MER)'
3 polymer 'DNA (29-MER)'
#
loop_
_entity_poly.entity_id
_entity_poly.type
_entity_poly.pdbx_seq_one_letter_code
_entity_poly.pdbx_strand_id
1 'polypeptide(L)'
;MIICSVDIGIKNPAYAIFNYDNTSNTIKLIAIEKSDWTKNWERSVARDLTRYNPDVVILEKQGFKSPNSKIIYFIKGFFY
NSNTKVIVRNPTFKGGSYRNRKKQSIDVFIQKISEYTDYKNDILNKYTKLDDIANSFNLGLSYMESLLK
;
A,B,C,D
2 'polydeoxyribonucleotide'
;(DA)(DT)(DC)(DG)(DT)(DC)(DG)(DG)(DG)(DG)(DA)(DA)(DG)(DT)(DT)(DT)(DC)(DT)(DT)(DC)
(DC)(DT)(DG)(DA)(DG)(DT)(DT)(DG)(DA)
;
E
3 'polydeoxyribonucleotide'
;(DT)(DC)(DA)(DA)(DC)(DT)(DC)(DA)(DA)(DC)(DT)(DC)(DG)(DT)(DT)(DT)(DC)(DG)(DA)(DG)
(DT)(DC)(DC)(DG)(DA)(DC)(DG)(DA)(DT)
;
F
#
loop_
_chem_comp.id
_chem_comp.type
_chem_comp.name
_chem_comp.formula
DA DNA linking 2'-DEOXYADENOSINE-5'-MONOPHOSPHATE 'C10 H14 N5 O6 P'
DC DNA linking 2'-DEOXYCYTIDINE-5'-MONOPHOSPHATE 'C9 H14 N3 O7 P'
DG DNA linking 2'-DEOXYGUANOSINE-5'-MONOPHOSPHATE 'C10 H14 N5 O7 P'
DT DNA linking THYMIDINE-5'-MONOPHOSPHATE 'C10 H15 N2 O8 P'
#
# COMPACT_ATOMS: atom_id res chain seq x y z
N MET A 1 -8.68 22.24 48.22
CA MET A 1 -8.24 21.49 47.05
C MET A 1 -9.01 20.18 46.89
N ILE A 2 -9.87 20.12 45.88
CA ILE A 2 -10.39 18.83 45.41
C ILE A 2 -9.49 18.39 44.27
N ILE A 3 -8.82 17.25 44.46
CA ILE A 3 -7.79 16.79 43.53
C ILE A 3 -8.31 15.57 42.79
N CYS A 4 -8.08 15.54 41.48
CA CYS A 4 -8.48 14.44 40.62
C CYS A 4 -7.25 13.98 39.85
N SER A 5 -6.75 12.78 40.18
CA SER A 5 -5.60 12.23 39.50
C SER A 5 -6.07 11.12 38.57
N VAL A 6 -5.54 11.12 37.34
CA VAL A 6 -6.09 10.30 36.27
C VAL A 6 -4.99 9.43 35.67
N ASP A 7 -5.24 8.12 35.64
CA ASP A 7 -4.50 7.21 34.77
C ASP A 7 -5.26 7.15 33.45
N ILE A 8 -4.64 7.68 32.39
CA ILE A 8 -5.28 7.86 31.10
C ILE A 8 -5.15 6.58 30.28
N GLY A 9 -6.07 6.41 29.34
CA GLY A 9 -6.11 5.26 28.48
C GLY A 9 -7.51 5.10 27.92
N ILE A 10 -7.61 4.71 26.65
CA ILE A 10 -8.92 4.50 26.04
C ILE A 10 -9.60 3.27 26.64
N LYS A 11 -8.88 2.17 26.78
CA LYS A 11 -9.51 0.90 27.17
C LYS A 11 -10.06 0.97 28.59
N ASN A 12 -9.21 1.21 29.57
CA ASN A 12 -9.62 1.23 30.97
C ASN A 12 -9.00 2.42 31.70
N PRO A 13 -9.56 3.61 31.50
CA PRO A 13 -9.09 4.78 32.26
C PRO A 13 -9.58 4.73 33.70
N ALA A 14 -8.79 5.33 34.60
CA ALA A 14 -9.15 5.32 36.01
C ALA A 14 -8.81 6.66 36.64
N TYR A 15 -9.52 6.98 37.72
CA TYR A 15 -9.28 8.24 38.42
C TYR A 15 -9.51 8.09 39.93
N ALA A 16 -8.74 8.87 40.68
CA ALA A 16 -8.83 8.94 42.14
C ALA A 16 -9.13 10.38 42.53
N ILE A 17 -10.12 10.55 43.40
CA ILE A 17 -10.59 11.85 43.86
C ILE A 17 -10.27 11.97 45.34
N PHE A 18 -9.39 12.92 45.67
CA PHE A 18 -8.98 13.25 47.02
C PHE A 18 -9.45 14.65 47.41
N ASN A 19 -9.40 14.91 48.71
CA ASN A 19 -9.55 16.25 49.27
C ASN A 19 -8.28 16.59 50.06
N TYR A 20 -7.58 17.64 49.66
CA TYR A 20 -6.35 18.07 50.31
C TYR A 20 -6.60 19.35 51.08
N ASP A 21 -6.41 19.30 52.39
CA ASP A 21 -6.57 20.48 53.24
C ASP A 21 -5.39 21.43 53.05
N ASN A 22 -5.69 22.68 52.67
CA ASN A 22 -4.64 23.64 52.36
C ASN A 22 -3.86 24.07 53.59
N THR A 23 -4.53 24.26 54.73
CA THR A 23 -3.84 24.68 55.94
C THR A 23 -3.51 23.54 56.89
N SER A 24 -3.99 22.32 56.62
CA SER A 24 -3.65 21.18 57.45
C SER A 24 -2.76 20.17 56.77
N ASN A 25 -2.64 20.23 55.44
CA ASN A 25 -1.83 19.28 54.66
C ASN A 25 -2.26 17.83 54.96
N THR A 26 -3.57 17.61 55.02
CA THR A 26 -4.14 16.31 55.33
C THR A 26 -4.80 15.73 54.09
N ILE A 27 -4.55 14.45 53.82
CA ILE A 27 -5.09 13.76 52.65
C ILE A 27 -6.40 13.12 53.03
N LYS A 28 -7.38 13.20 52.13
CA LYS A 28 -8.64 12.49 52.30
C LYS A 28 -9.01 11.87 50.95
N LEU A 29 -9.06 10.54 50.90
CA LEU A 29 -9.47 9.85 49.69
C LEU A 29 -11.00 9.84 49.64
N ILE A 30 -11.56 10.48 48.62
CA ILE A 30 -13.00 10.51 48.44
C ILE A 30 -13.49 9.31 47.63
N ALA A 31 -12.90 9.08 46.47
CA ALA A 31 -13.43 8.02 45.61
C ALA A 31 -12.34 7.50 44.68
N ILE A 32 -12.56 6.32 44.14
CA ILE A 32 -11.68 5.71 43.14
C ILE A 32 -12.57 4.97 42.15
N GLU A 33 -12.44 5.29 40.86
CA GLU A 33 -13.36 4.76 39.85
C GLU A 33 -12.65 4.43 38.55
N LYS A 34 -13.07 3.31 37.95
CA LYS A 34 -12.75 3.00 36.56
C LYS A 34 -13.82 3.59 35.64
N SER A 35 -13.47 3.69 34.36
CA SER A 35 -14.44 4.16 33.37
C SER A 35 -14.09 3.56 32.01
N ASP A 36 -14.85 3.96 30.99
CA ASP A 36 -14.63 3.53 29.62
C ASP A 36 -14.68 4.72 28.69
N TRP A 37 -13.63 4.90 27.89
CA TRP A 37 -13.58 5.95 26.89
C TRP A 37 -13.45 5.40 25.48
N THR A 38 -13.80 4.12 25.29
CA THR A 38 -13.68 3.49 23.97
C THR A 38 -14.63 4.09 22.94
N LYS A 39 -15.67 4.79 23.37
CA LYS A 39 -16.64 5.37 22.44
C LYS A 39 -16.92 6.83 22.82
N ASN A 40 -16.75 7.73 21.85
CA ASN A 40 -16.96 9.17 22.04
C ASN A 40 -16.10 9.68 23.19
N TRP A 41 -14.79 9.58 23.01
CA TRP A 41 -13.86 9.80 24.12
C TRP A 41 -13.89 11.24 24.63
N GLU A 42 -14.12 12.23 23.77
CA GLU A 42 -14.18 13.61 24.24
C GLU A 42 -15.40 13.82 25.15
N ARG A 43 -16.57 13.34 24.71
CA ARG A 43 -17.75 13.40 25.55
C ARG A 43 -17.52 12.67 26.86
N SER A 44 -16.95 11.46 26.79
CA SER A 44 -16.72 10.67 27.99
C SER A 44 -15.73 11.33 28.93
N VAL A 45 -14.66 11.91 28.38
CA VAL A 45 -13.68 12.61 29.21
C VAL A 45 -14.33 13.80 29.90
N ALA A 46 -15.05 14.62 29.12
CA ALA A 46 -15.70 15.80 29.69
C ALA A 46 -16.72 15.42 30.76
N ARG A 47 -17.39 14.27 30.60
CA ARG A 47 -18.35 13.84 31.60
C ARG A 47 -17.64 13.35 32.86
N ASP A 48 -16.65 12.48 32.70
CA ASP A 48 -16.03 11.84 33.85
C ASP A 48 -15.17 12.80 34.66
N LEU A 49 -14.56 13.79 34.00
CA LEU A 49 -13.66 14.68 34.71
C LEU A 49 -14.40 15.79 35.44
N THR A 50 -15.55 16.21 34.91
CA THR A 50 -16.38 17.22 35.58
C THR A 50 -17.35 16.60 36.57
N ARG A 51 -17.35 15.28 36.70
CA ARG A 51 -18.29 14.59 37.59
C ARG A 51 -18.21 15.12 39.02
N TYR A 52 -17.01 15.12 39.58
CA TYR A 52 -16.77 15.67 40.92
C TYR A 52 -15.90 16.90 40.69
N ASN A 53 -16.54 18.00 40.28
CA ASN A 53 -15.86 19.22 39.83
C ASN A 53 -14.63 19.50 40.69
N PRO A 54 -13.45 19.19 40.17
CA PRO A 54 -12.22 19.26 40.97
C PRO A 54 -11.61 20.65 40.89
N ASP A 55 -10.60 20.85 41.73
CA ASP A 55 -9.82 22.08 41.69
C ASP A 55 -8.49 21.89 41.00
N VAL A 56 -7.94 20.69 41.03
CA VAL A 56 -6.72 20.34 40.33
C VAL A 56 -6.96 19.02 39.62
N VAL A 57 -6.44 18.91 38.41
CA VAL A 57 -6.47 17.66 37.66
C VAL A 57 -5.03 17.28 37.35
N ILE A 58 -4.64 16.08 37.76
CA ILE A 58 -3.28 15.59 37.60
C ILE A 58 -3.28 14.51 36.54
N LEU A 59 -2.41 14.66 35.54
CA LEU A 59 -2.24 13.68 34.50
C LEU A 59 -0.80 13.19 34.53
N GLU A 60 -0.61 11.98 34.00
CA GLU A 60 0.70 11.36 33.93
C GLU A 60 1.25 11.58 32.53
N LYS A 61 2.49 12.04 32.45
CA LYS A 61 3.07 12.43 31.18
C LYS A 61 3.16 11.21 30.26
N GLN A 62 2.70 11.39 29.02
CA GLN A 62 2.66 10.35 28.02
C GLN A 62 3.56 10.76 26.86
N GLY A 63 4.02 9.78 26.10
CA GLY A 63 4.80 10.12 24.93
C GLY A 63 3.93 10.66 23.82
N PHE A 64 4.59 11.09 22.75
CA PHE A 64 3.86 11.67 21.62
C PHE A 64 3.26 10.60 20.71
N LYS A 65 3.77 9.37 20.77
CA LYS A 65 3.31 8.28 19.93
C LYS A 65 2.30 7.40 20.68
N SER A 66 1.18 8.02 21.04
CA SER A 66 0.09 7.32 21.72
C SER A 66 -1.15 8.18 21.65
N PRO A 67 -2.34 7.58 21.68
CA PRO A 67 -3.57 8.39 21.74
C PRO A 67 -3.76 9.10 23.07
N ASN A 68 -3.06 8.65 24.11
CA ASN A 68 -3.14 9.32 25.39
C ASN A 68 -2.64 10.75 25.30
N SER A 69 -1.74 11.03 24.35
CA SER A 69 -1.28 12.40 24.17
C SER A 69 -2.40 13.29 23.67
N LYS A 70 -3.20 12.82 22.71
CA LYS A 70 -4.33 13.61 22.26
C LYS A 70 -5.36 13.79 23.36
N ILE A 71 -5.53 12.78 24.23
CA ILE A 71 -6.42 12.98 25.37
C ILE A 71 -5.84 14.02 26.32
N ILE A 72 -4.52 13.99 26.52
CA ILE A 72 -3.86 14.98 27.38
C ILE A 72 -4.11 16.39 26.87
N TYR A 73 -3.88 16.61 25.58
CA TYR A 73 -4.05 17.95 25.04
C TYR A 73 -5.51 18.37 24.99
N PHE A 74 -6.44 17.43 24.77
CA PHE A 74 -7.85 17.77 24.88
C PHE A 74 -8.18 18.24 26.29
N ILE A 75 -7.67 17.54 27.31
CA ILE A 75 -7.93 17.94 28.70
C ILE A 75 -7.29 19.30 28.98
N LYS A 76 -6.07 19.52 28.48
CA LYS A 76 -5.40 20.80 28.65
C LYS A 76 -6.26 21.93 28.11
N GLY A 77 -6.77 21.78 26.90
CA GLY A 77 -7.64 22.81 26.33
C GLY A 77 -8.94 22.94 27.10
N PHE A 78 -9.50 21.81 27.54
CA PHE A 78 -10.80 21.82 28.20
C PHE A 78 -10.77 22.60 29.51
N PHE A 79 -9.82 22.28 30.39
CA PHE A 79 -9.79 22.98 31.67
C PHE A 79 -8.97 24.26 31.62
N TYR A 80 -8.43 24.65 30.46
CA TYR A 80 -7.67 25.90 30.36
C TYR A 80 -8.56 27.12 30.48
N ASN A 81 -9.83 26.94 30.82
CA ASN A 81 -10.77 28.05 30.86
C ASN A 81 -10.75 28.74 32.23
N SER A 82 -11.02 28.00 33.29
CA SER A 82 -11.01 28.61 34.62
C SER A 82 -11.10 27.52 35.70
N ASN A 83 -10.61 27.89 36.88
CA ASN A 83 -10.94 27.25 38.17
C ASN A 83 -10.32 25.88 38.35
N THR A 84 -9.70 25.34 37.31
CA THR A 84 -9.18 23.98 37.33
C THR A 84 -7.78 24.00 36.73
N LYS A 85 -6.78 23.70 37.55
CA LYS A 85 -5.41 23.63 37.07
C LYS A 85 -5.11 22.19 36.66
N VAL A 86 -4.74 22.00 35.42
CA VAL A 86 -4.21 20.73 34.95
C VAL A 86 -2.69 20.77 35.11
N ILE A 87 -2.15 19.79 35.82
CA ILE A 87 -0.71 19.68 36.02
C ILE A 87 -0.31 18.28 35.57
N VAL A 88 0.78 18.19 34.81
CA VAL A 88 1.27 16.93 34.27
C VAL A 88 2.56 16.58 35.01
N ARG A 89 2.50 15.51 35.79
CA ARG A 89 3.65 15.03 36.56
C ARG A 89 4.39 13.96 35.77
N ASN A 90 5.70 13.89 35.98
CA ASN A 90 6.44 12.77 35.43
C ASN A 90 5.90 11.47 36.02
N PRO A 91 6.03 10.35 35.31
CA PRO A 91 5.56 9.08 35.87
C PRO A 91 6.24 8.82 37.20
N THR A 92 5.42 8.73 38.26
CA THR A 92 5.96 8.50 39.59
C THR A 92 6.85 7.27 39.63
N PHE A 93 6.28 6.11 39.36
CA PHE A 93 7.07 4.90 39.21
C PHE A 93 7.80 4.95 37.87
N LYS A 94 9.12 5.06 37.92
CA LYS A 94 9.92 5.20 36.71
C LYS A 94 11.16 4.35 36.82
N GLY A 95 11.59 3.77 35.71
CA GLY A 95 12.78 2.94 35.66
C GLY A 95 12.45 1.47 35.64
N GLY A 96 13.52 0.68 35.54
CA GLY A 96 13.42 -0.76 35.43
C GLY A 96 12.52 -1.22 34.29
N SER A 97 12.14 -2.49 34.29
CA SER A 97 11.28 -2.99 33.22
C SER A 97 9.89 -2.38 33.34
N TYR A 98 9.14 -2.43 32.23
CA TYR A 98 7.81 -1.85 32.24
C TYR A 98 6.87 -2.59 33.18
N ARG A 99 7.01 -3.91 33.26
CA ARG A 99 6.15 -4.69 34.16
C ARG A 99 6.50 -4.45 35.62
N ASN A 100 7.75 -4.11 35.91
CA ASN A 100 8.11 -3.78 37.30
C ASN A 100 7.36 -2.57 37.82
N ARG A 101 6.92 -1.68 36.93
CA ARG A 101 6.10 -0.56 37.37
C ARG A 101 4.72 -1.04 37.83
N LYS A 102 4.10 -1.93 37.04
CA LYS A 102 2.75 -2.40 37.36
C LYS A 102 2.72 -3.11 38.70
N LYS A 103 3.62 -4.07 38.90
CA LYS A 103 3.62 -4.83 40.16
C LYS A 103 3.95 -3.94 41.34
N GLN A 104 4.94 -3.06 41.19
CA GLN A 104 5.29 -2.13 42.27
C GLN A 104 4.13 -1.19 42.55
N SER A 105 3.45 -0.73 41.49
CA SER A 105 2.30 0.16 41.66
C SER A 105 1.21 -0.52 42.48
N ILE A 106 0.77 -1.70 42.03
CA ILE A 106 -0.32 -2.39 42.73
C ILE A 106 0.11 -2.81 44.13
N ASP A 107 1.41 -3.06 44.34
CA ASP A 107 1.87 -3.43 45.68
C ASP A 107 1.77 -2.25 46.63
N VAL A 108 2.33 -1.10 46.25
CA VAL A 108 2.24 0.07 47.13
C VAL A 108 0.79 0.48 47.33
N PHE A 109 -0.03 0.35 46.29
CA PHE A 109 -1.46 0.63 46.40
C PHE A 109 -2.11 -0.27 47.45
N ILE A 110 -1.97 -1.59 47.28
CA ILE A 110 -2.58 -2.55 48.19
C ILE A 110 -2.13 -2.31 49.62
N GLN A 111 -0.85 -2.00 49.82
CA GLN A 111 -0.36 -1.86 51.18
C GLN A 111 -0.67 -0.49 51.79
N LYS A 112 -0.97 0.52 50.98
CA LYS A 112 -1.19 1.86 51.51
C LYS A 112 -2.64 2.31 51.44
N ILE A 113 -3.55 1.50 50.87
CA ILE A 113 -4.95 1.93 50.80
C ILE A 113 -5.62 1.90 52.16
N SER A 114 -5.21 0.98 53.04
CA SER A 114 -5.96 0.76 54.29
C SER A 114 -6.00 2.01 55.13
N GLU A 115 -4.97 2.85 55.04
CA GLU A 115 -4.87 4.05 55.84
C GLU A 115 -5.72 5.18 55.29
N TYR A 116 -6.46 4.95 54.20
CA TYR A 116 -7.18 6.01 53.51
C TYR A 116 -8.67 5.75 53.32
N THR A 117 -9.07 4.49 53.20
CA THR A 117 -10.45 4.19 52.81
C THR A 117 -11.28 3.46 53.85
N ASP A 118 -10.69 2.55 54.62
CA ASP A 118 -11.40 1.66 55.54
C ASP A 118 -12.36 0.72 54.82
N TYR A 119 -12.34 0.71 53.48
CA TYR A 119 -13.11 -0.20 52.65
C TYR A 119 -12.17 -0.91 51.68
N LYS A 120 -11.06 -1.40 52.23
CA LYS A 120 -10.03 -2.05 51.41
C LYS A 120 -10.60 -3.22 50.62
N ASN A 121 -11.52 -3.97 51.20
CA ASN A 121 -12.00 -5.20 50.59
C ASN A 121 -12.94 -4.93 49.42
N ASP A 122 -13.78 -3.90 49.53
CA ASP A 122 -14.71 -3.58 48.44
C ASP A 122 -13.97 -3.21 47.16
N ILE A 123 -12.76 -2.66 47.28
CA ILE A 123 -12.00 -2.29 46.10
C ILE A 123 -11.30 -3.49 45.49
N LEU A 124 -10.85 -4.43 46.32
CA LEU A 124 -10.20 -5.62 45.79
C LEU A 124 -11.19 -6.52 45.06
N ASN A 125 -12.45 -6.56 45.50
CA ASN A 125 -13.44 -7.43 44.89
C ASN A 125 -13.95 -6.85 43.57
N LYS A 126 -14.58 -5.68 43.62
CA LYS A 126 -15.02 -5.01 42.41
C LYS A 126 -13.80 -4.53 41.62
N TYR A 127 -13.85 -4.66 40.30
CA TYR A 127 -12.73 -4.23 39.41
C TYR A 127 -11.42 -4.92 39.85
N THR A 128 -11.36 -6.24 39.68
CA THR A 128 -10.20 -7.06 40.14
C THR A 128 -8.89 -6.54 39.52
N LYS A 129 -8.88 -6.15 38.24
CA LYS A 129 -7.59 -5.63 37.70
C LYS A 129 -7.27 -4.37 38.52
N LEU A 130 -6.08 -4.28 39.10
CA LEU A 130 -5.76 -3.16 39.98
C LEU A 130 -4.72 -2.20 39.43
N ASP A 131 -4.29 -2.36 38.17
CA ASP A 131 -3.10 -1.65 37.71
C ASP A 131 -3.42 -0.31 37.04
N ASP A 132 -4.64 0.20 37.20
CA ASP A 132 -5.00 1.54 36.78
C ASP A 132 -5.39 2.42 37.96
N ILE A 133 -6.27 1.91 38.83
CA ILE A 133 -6.62 2.63 40.05
C ILE A 133 -5.37 2.82 40.91
N ALA A 134 -4.46 1.85 40.88
CA ALA A 134 -3.18 2.01 41.57
C ALA A 134 -2.42 3.21 41.00
N ASN A 135 -2.35 3.30 39.67
CA ASN A 135 -1.63 4.41 39.05
C ASN A 135 -2.25 5.74 39.43
N SER A 136 -3.57 5.84 39.38
CA SER A 136 -4.23 7.11 39.70
C SER A 136 -4.03 7.48 41.17
N PHE A 137 -4.20 6.51 42.07
CA PHE A 137 -4.02 6.77 43.50
C PHE A 137 -2.59 7.21 43.79
N ASN A 138 -1.61 6.53 43.19
CA ASN A 138 -0.21 6.87 43.43
C ASN A 138 0.13 8.23 42.85
N LEU A 139 -0.42 8.55 41.68
CA LEU A 139 -0.21 9.86 41.07
C LEU A 139 -0.72 10.99 41.98
N GLY A 140 -1.97 10.87 42.43
CA GLY A 140 -2.52 11.89 43.30
C GLY A 140 -1.76 12.03 44.61
N LEU A 141 -1.48 10.89 45.24
CA LEU A 141 -0.78 10.93 46.52
C LEU A 141 0.63 11.48 46.36
N SER A 142 1.30 11.18 45.25
CA SER A 142 2.63 11.71 45.02
C SER A 142 2.60 13.23 44.84
N TYR A 143 1.59 13.74 44.11
CA TYR A 143 1.46 15.19 43.99
C TYR A 143 1.24 15.85 45.34
N MET A 144 0.37 15.28 46.16
CA MET A 144 0.09 15.90 47.44
C MET A 144 1.30 15.81 48.37
N GLU A 145 2.05 14.72 48.31
CA GLU A 145 3.28 14.62 49.08
C GLU A 145 4.31 15.63 48.59
N SER A 146 4.35 15.89 47.29
CA SER A 146 5.23 16.91 46.73
C SER A 146 4.71 18.33 46.97
N LEU A 147 3.50 18.47 47.53
CA LEU A 147 2.97 19.80 47.80
C LEU A 147 3.58 20.47 49.03
N LEU A 148 4.20 19.70 49.94
CA LEU A 148 4.68 20.29 51.18
C LEU A 148 5.93 21.13 50.95
N LYS A 149 7.00 20.50 50.48
CA LYS A 149 8.28 21.18 50.22
C LYS A 149 8.79 21.93 51.43
N MET B 1 10.50 -0.43 -38.82
CA MET B 1 10.46 -0.46 -37.36
C MET B 1 9.03 -0.42 -36.85
N ILE B 2 8.38 -1.58 -36.86
CA ILE B 2 7.00 -1.72 -36.44
C ILE B 2 6.98 -2.20 -35.00
N ILE B 3 6.33 -1.45 -34.12
CA ILE B 3 6.33 -1.73 -32.69
C ILE B 3 4.96 -2.29 -32.31
N CYS B 4 4.96 -3.38 -31.54
CA CYS B 4 3.72 -4.01 -31.09
C CYS B 4 3.83 -4.19 -29.58
N SER B 5 3.09 -3.38 -28.83
CA SER B 5 3.09 -3.45 -27.38
C SER B 5 1.77 -4.05 -26.92
N VAL B 6 1.83 -4.99 -25.98
CA VAL B 6 0.68 -5.81 -25.63
C VAL B 6 0.45 -5.72 -24.14
N ASP B 7 -0.79 -5.37 -23.76
CA ASP B 7 -1.28 -5.60 -22.41
C ASP B 7 -1.89 -7.00 -22.37
N ILE B 8 -1.28 -7.87 -21.57
CA ILE B 8 -1.62 -9.29 -21.55
C ILE B 8 -2.79 -9.52 -20.61
N GLY B 9 -3.49 -10.63 -20.83
CA GLY B 9 -4.62 -11.04 -20.02
C GLY B 9 -5.48 -12.00 -20.80
N ILE B 10 -5.96 -13.05 -20.13
CA ILE B 10 -6.85 -14.00 -20.80
C ILE B 10 -8.20 -13.36 -21.09
N LYS B 11 -8.67 -12.47 -20.23
CA LYS B 11 -9.99 -11.88 -20.43
C LYS B 11 -9.96 -10.76 -21.46
N ASN B 12 -9.17 -9.71 -21.22
CA ASN B 12 -9.15 -8.53 -22.08
C ASN B 12 -7.72 -8.18 -22.50
N PRO B 13 -7.14 -8.93 -23.43
CA PRO B 13 -5.84 -8.55 -23.99
C PRO B 13 -5.99 -7.40 -24.98
N ALA B 14 -4.95 -6.56 -25.04
CA ALA B 14 -4.98 -5.42 -25.94
C ALA B 14 -3.60 -5.23 -26.55
N TYR B 15 -3.56 -4.61 -27.73
CA TYR B 15 -2.28 -4.36 -28.39
C TYR B 15 -2.32 -3.03 -29.14
N ALA B 16 -1.18 -2.37 -29.15
CA ALA B 16 -0.99 -1.12 -29.88
C ALA B 16 0.17 -1.31 -30.86
N ILE B 17 -0.06 -0.94 -32.11
CA ILE B 17 0.91 -1.06 -33.19
C ILE B 17 1.29 0.35 -33.60
N PHE B 18 2.56 0.69 -33.39
CA PHE B 18 3.11 1.99 -33.78
C PHE B 18 4.11 1.79 -34.91
N ASN B 19 4.41 2.90 -35.58
CA ASN B 19 5.48 2.98 -36.56
C ASN B 19 6.49 4.01 -36.08
N TYR B 20 7.72 3.57 -35.83
CA TYR B 20 8.79 4.42 -35.37
C TYR B 20 9.73 4.60 -36.55
N ASP B 21 9.84 5.82 -37.03
CA ASP B 21 10.72 6.08 -38.17
C ASP B 21 12.17 6.03 -37.70
N ASN B 22 12.95 5.12 -38.29
CA ASN B 22 14.31 4.92 -37.86
C ASN B 22 15.14 6.14 -38.22
N THR B 23 15.93 6.62 -37.27
CA THR B 23 16.80 7.79 -37.38
C THR B 23 15.99 9.08 -37.44
N SER B 24 14.66 9.01 -37.49
CA SER B 24 13.81 10.19 -37.48
C SER B 24 13.05 10.38 -36.18
N ASN B 25 12.93 9.35 -35.34
CA ASN B 25 12.25 9.44 -34.06
C ASN B 25 10.82 9.96 -34.23
N THR B 26 10.12 9.41 -35.23
CA THR B 26 8.77 9.84 -35.59
C THR B 26 7.77 8.77 -35.17
N ILE B 27 6.92 9.12 -34.19
CA ILE B 27 5.93 8.20 -33.67
C ILE B 27 4.64 8.39 -34.47
N LYS B 28 4.22 7.34 -35.17
CA LYS B 28 2.98 7.36 -35.94
C LYS B 28 2.17 6.13 -35.57
N LEU B 29 1.00 6.33 -34.96
CA LEU B 29 0.14 5.23 -34.55
C LEU B 29 -0.39 4.49 -35.77
N ILE B 30 -0.07 3.19 -35.86
CA ILE B 30 -0.63 2.40 -36.95
C ILE B 30 -2.03 1.92 -36.58
N ALA B 31 -2.16 1.29 -35.43
CA ALA B 31 -3.44 0.76 -34.99
C ALA B 31 -3.43 0.58 -33.48
N ILE B 32 -4.60 0.53 -32.89
CA ILE B 32 -4.71 0.17 -31.47
C ILE B 32 -6.03 -0.58 -31.28
N GLU B 33 -5.96 -1.80 -30.77
CA GLU B 33 -7.14 -2.66 -30.68
C GLU B 33 -7.07 -3.49 -29.41
N LYS B 34 -8.17 -4.18 -29.13
CA LYS B 34 -8.20 -5.18 -28.08
C LYS B 34 -8.92 -6.42 -28.61
N SER B 35 -8.47 -7.57 -28.13
CA SER B 35 -8.98 -8.86 -28.58
C SER B 35 -9.38 -9.70 -27.37
N ASP B 36 -9.75 -10.96 -27.61
CA ASP B 36 -10.11 -11.88 -26.55
C ASP B 36 -9.36 -13.19 -26.76
N TRP B 37 -8.68 -13.65 -25.72
CA TRP B 37 -7.95 -14.92 -25.76
C TRP B 37 -8.61 -15.89 -24.79
N THR B 38 -9.78 -16.39 -25.17
CA THR B 38 -10.53 -17.34 -24.36
C THR B 38 -10.45 -18.77 -24.91
N LYS B 39 -10.85 -18.96 -26.16
CA LYS B 39 -10.94 -20.28 -26.76
C LYS B 39 -9.70 -20.52 -27.61
N ASN B 40 -8.93 -21.55 -27.26
CA ASN B 40 -7.68 -21.89 -27.94
C ASN B 40 -6.78 -20.65 -28.03
N TRP B 41 -6.34 -20.22 -26.85
CA TRP B 41 -5.65 -18.93 -26.72
C TRP B 41 -4.37 -18.87 -27.54
N GLU B 42 -3.74 -20.02 -27.81
CA GLU B 42 -2.50 -20.00 -28.60
C GLU B 42 -2.76 -19.48 -30.02
N ARG B 43 -3.83 -19.95 -30.66
CA ARG B 43 -4.17 -19.44 -31.99
C ARG B 43 -4.38 -17.94 -31.97
N SER B 44 -5.13 -17.45 -30.99
CA SER B 44 -5.42 -16.03 -30.93
C SER B 44 -4.16 -15.20 -30.69
N VAL B 45 -3.28 -15.67 -29.81
CA VAL B 45 -2.03 -14.96 -29.55
C VAL B 45 -1.19 -14.90 -30.81
N ALA B 46 -1.02 -16.05 -31.48
CA ALA B 46 -0.21 -16.10 -32.69
C ALA B 46 -0.76 -15.16 -33.76
N ARG B 47 -2.08 -15.20 -33.99
CA ARG B 47 -2.67 -14.38 -35.04
C ARG B 47 -2.56 -12.90 -34.71
N ASP B 48 -2.92 -12.51 -33.47
CA ASP B 48 -2.88 -11.10 -33.10
C ASP B 48 -1.46 -10.55 -33.13
N LEU B 49 -0.46 -11.39 -32.83
CA LEU B 49 0.90 -10.88 -32.81
C LEU B 49 1.54 -10.86 -34.20
N THR B 50 1.17 -11.79 -35.07
CA THR B 50 1.70 -11.82 -36.43
C THR B 50 0.85 -11.01 -37.41
N ARG B 51 -0.20 -10.35 -36.92
CA ARG B 51 -1.09 -9.58 -37.79
C ARG B 51 -0.34 -8.54 -38.64
N TYR B 52 0.53 -7.74 -38.02
CA TYR B 52 1.24 -6.69 -38.74
C TYR B 52 2.72 -6.96 -38.92
N ASN B 53 3.19 -8.20 -38.72
CA ASN B 53 4.60 -8.56 -38.83
C ASN B 53 5.50 -7.52 -38.16
N PRO B 54 5.57 -7.49 -36.84
CA PRO B 54 6.32 -6.41 -36.18
C PRO B 54 7.80 -6.78 -36.05
N ASP B 55 8.58 -5.78 -35.67
CA ASP B 55 10.00 -5.99 -35.39
C ASP B 55 10.30 -6.11 -33.91
N VAL B 56 9.48 -5.50 -33.06
CA VAL B 56 9.63 -5.59 -31.61
C VAL B 56 8.27 -5.91 -31.02
N VAL B 57 8.26 -6.76 -29.99
CA VAL B 57 7.06 -7.07 -29.23
C VAL B 57 7.34 -6.70 -27.78
N ILE B 58 6.50 -5.86 -27.21
CA ILE B 58 6.67 -5.34 -25.86
C ILE B 58 5.62 -5.96 -24.96
N LEU B 59 6.06 -6.55 -23.86
CA LEU B 59 5.15 -7.13 -22.88
C LEU B 59 5.40 -6.47 -21.53
N GLU B 60 4.38 -6.47 -20.68
CA GLU B 60 4.48 -5.90 -19.35
C GLU B 60 4.64 -7.02 -18.32
N LYS B 61 5.66 -6.88 -17.47
CA LYS B 61 6.01 -7.91 -16.50
C LYS B 61 4.95 -8.10 -15.44
N GLN B 62 4.66 -9.36 -15.12
CA GLN B 62 3.78 -9.76 -14.04
C GLN B 62 4.59 -10.57 -13.03
N GLY B 63 4.04 -10.70 -11.82
CA GLY B 63 4.71 -11.49 -10.81
C GLY B 63 4.63 -12.98 -11.12
N PHE B 64 5.17 -13.77 -10.20
CA PHE B 64 5.24 -15.22 -10.40
C PHE B 64 3.91 -15.91 -10.15
N LYS B 65 2.84 -15.17 -9.87
CA LYS B 65 1.53 -15.75 -9.56
C LYS B 65 0.48 -15.06 -10.44
N SER B 66 0.33 -15.56 -11.67
CA SER B 66 -0.70 -15.11 -12.60
C SER B 66 -0.67 -15.96 -13.86
N PRO B 67 -1.81 -16.14 -14.55
CA PRO B 67 -1.78 -16.84 -15.83
C PRO B 67 -1.13 -16.03 -16.95
N ASN B 68 -0.93 -14.72 -16.76
CA ASN B 68 -0.28 -13.90 -17.77
C ASN B 68 1.17 -14.33 -18.00
N SER B 69 1.80 -14.94 -16.99
CA SER B 69 3.17 -15.42 -17.15
C SER B 69 3.24 -16.54 -18.19
N LYS B 70 2.22 -17.40 -18.23
CA LYS B 70 2.18 -18.48 -19.21
C LYS B 70 2.15 -17.96 -20.65
N ILE B 71 1.48 -16.83 -20.87
CA ILE B 71 1.46 -16.22 -22.21
C ILE B 71 2.84 -15.68 -22.57
N ILE B 72 3.56 -15.13 -21.59
CA ILE B 72 4.85 -14.50 -21.83
C ILE B 72 5.81 -15.48 -22.48
N TYR B 73 5.96 -16.67 -21.88
CA TYR B 73 6.94 -17.63 -22.38
C TYR B 73 6.47 -18.26 -23.69
N PHE B 74 5.16 -18.41 -23.89
CA PHE B 74 4.67 -18.85 -25.18
C PHE B 74 5.07 -17.86 -26.27
N ILE B 75 4.93 -16.56 -26.02
CA ILE B 75 5.31 -15.56 -27.00
C ILE B 75 6.81 -15.57 -27.23
N LYS B 76 7.59 -15.68 -26.14
CA LYS B 76 9.04 -15.73 -26.26
C LYS B 76 9.49 -16.90 -27.12
N GLY B 77 8.93 -18.09 -26.87
CA GLY B 77 9.27 -19.24 -27.70
C GLY B 77 8.79 -19.07 -29.13
N PHE B 78 7.63 -18.45 -29.32
CA PHE B 78 7.07 -18.29 -30.65
C PHE B 78 7.97 -17.41 -31.51
N PHE B 79 8.38 -16.25 -31.00
CA PHE B 79 9.20 -15.32 -31.76
C PHE B 79 10.70 -15.61 -31.64
N TYR B 80 11.09 -16.69 -30.97
CA TYR B 80 12.50 -17.00 -30.86
C TYR B 80 13.04 -17.40 -32.23
N ASN B 81 14.32 -17.15 -32.45
CA ASN B 81 14.97 -17.42 -33.75
C ASN B 81 14.28 -16.68 -34.88
N SER B 82 13.84 -15.45 -34.63
CA SER B 82 13.20 -14.64 -35.64
C SER B 82 13.75 -13.22 -35.58
N ASN B 83 13.44 -12.43 -36.60
CA ASN B 83 13.80 -11.01 -36.61
C ASN B 83 12.69 -10.18 -35.97
N THR B 84 12.26 -10.62 -34.79
CA THR B 84 11.21 -9.95 -34.03
C THR B 84 11.50 -10.23 -32.56
N LYS B 85 12.08 -9.25 -31.88
CA LYS B 85 12.54 -9.44 -30.51
C LYS B 85 11.41 -9.13 -29.55
N VAL B 86 11.05 -10.12 -28.75
CA VAL B 86 10.09 -9.94 -27.65
C VAL B 86 10.87 -9.50 -26.42
N ILE B 87 10.47 -8.37 -25.83
CA ILE B 87 11.11 -7.80 -24.67
C ILE B 87 10.07 -7.62 -23.57
N VAL B 88 10.44 -7.97 -22.35
CA VAL B 88 9.55 -7.90 -21.20
C VAL B 88 9.98 -6.70 -20.36
N ARG B 89 9.15 -5.66 -20.36
CA ARG B 89 9.42 -4.42 -19.65
C ARG B 89 8.71 -4.39 -18.30
N ASN B 90 9.35 -3.72 -17.34
CA ASN B 90 8.76 -3.49 -16.04
C ASN B 90 7.46 -2.71 -16.17
N PRO B 91 6.55 -2.83 -15.20
CA PRO B 91 5.30 -2.07 -15.23
C PRO B 91 5.58 -0.58 -15.31
N THR B 92 5.09 0.05 -16.37
CA THR B 92 5.30 1.48 -16.57
C THR B 92 4.82 2.28 -15.36
N PHE B 93 3.52 2.23 -15.08
CA PHE B 93 2.97 2.85 -13.88
C PHE B 93 3.07 1.85 -12.74
N LYS B 94 3.91 2.16 -11.75
CA LYS B 94 4.15 1.25 -10.63
C LYS B 94 3.98 1.98 -9.30
N GLY B 95 3.15 3.03 -9.29
CA GLY B 95 2.88 3.78 -8.08
C GLY B 95 1.64 3.28 -7.36
N GLY B 96 0.58 4.09 -7.35
CA GLY B 96 -0.65 3.75 -6.65
C GLY B 96 -1.19 2.40 -7.07
N SER B 97 -1.77 1.66 -6.13
CA SER B 97 -2.23 0.30 -6.39
C SER B 97 -3.37 0.27 -7.41
N TYR B 98 -4.53 0.83 -7.05
CA TYR B 98 -5.70 0.78 -7.92
C TYR B 98 -6.14 2.16 -8.37
N ARG B 99 -6.42 3.07 -7.44
CA ARG B 99 -7.04 4.34 -7.79
C ARG B 99 -6.12 5.20 -8.66
N ASN B 100 -4.81 5.06 -8.49
CA ASN B 100 -3.87 5.83 -9.27
C ASN B 100 -3.42 5.12 -10.54
N ARG B 101 -3.33 3.78 -10.52
CA ARG B 101 -2.84 3.03 -11.66
C ARG B 101 -3.73 3.20 -12.89
N LYS B 102 -4.97 2.70 -12.81
CA LYS B 102 -5.86 2.74 -13.96
C LYS B 102 -6.19 4.17 -14.37
N LYS B 103 -6.49 5.03 -13.39
CA LYS B 103 -6.88 6.39 -13.72
C LYS B 103 -5.73 7.17 -14.34
N GLN B 104 -4.52 7.05 -13.77
CA GLN B 104 -3.36 7.71 -14.35
C GLN B 104 -3.08 7.19 -15.75
N SER B 105 -3.25 5.87 -15.96
CA SER B 105 -3.04 5.29 -17.28
C SER B 105 -3.98 5.89 -18.29
N ILE B 106 -5.29 5.84 -18.02
CA ILE B 106 -6.25 6.35 -18.99
C ILE B 106 -6.12 7.86 -19.16
N ASP B 107 -5.70 8.58 -18.12
CA ASP B 107 -5.54 10.02 -18.23
C ASP B 107 -4.37 10.38 -19.15
N VAL B 108 -3.20 9.79 -18.90
CA VAL B 108 -2.05 10.06 -19.77
C VAL B 108 -2.35 9.59 -21.19
N PHE B 109 -3.11 8.50 -21.32
CA PHE B 109 -3.54 8.06 -22.65
C PHE B 109 -4.35 9.14 -23.34
N ILE B 110 -5.47 9.55 -22.72
CA ILE B 110 -6.36 10.54 -23.31
C ILE B 110 -5.63 11.83 -23.62
N GLN B 111 -4.56 12.14 -22.88
CA GLN B 111 -3.83 13.38 -23.12
C GLN B 111 -2.76 13.25 -24.19
N LYS B 112 -2.11 12.09 -24.32
CA LYS B 112 -0.99 11.93 -25.21
C LYS B 112 -1.36 11.25 -26.52
N ILE B 113 -2.63 10.87 -26.71
CA ILE B 113 -3.01 10.21 -27.96
C ILE B 113 -3.03 11.18 -29.13
N SER B 114 -3.35 12.45 -28.88
CA SER B 114 -3.67 13.37 -29.96
C SER B 114 -2.53 13.55 -30.95
N GLU B 115 -1.28 13.49 -30.48
CA GLU B 115 -0.15 13.76 -31.34
C GLU B 115 0.25 12.58 -32.21
N TYR B 116 -0.46 11.45 -32.15
CA TYR B 116 0.01 10.24 -32.79
C TYR B 116 -0.96 9.61 -33.79
N THR B 117 -2.27 9.78 -33.64
CA THR B 117 -3.23 9.03 -34.44
C THR B 117 -4.05 9.89 -35.40
N ASP B 118 -4.40 11.10 -35.01
CA ASP B 118 -5.30 11.98 -35.77
C ASP B 118 -6.72 11.41 -35.88
N TYR B 119 -7.01 10.32 -35.17
CA TYR B 119 -8.34 9.72 -35.09
C TYR B 119 -8.75 9.56 -33.63
N LYS B 120 -8.52 10.61 -32.85
CA LYS B 120 -8.68 10.51 -31.40
C LYS B 120 -10.13 10.25 -31.01
N ASN B 121 -11.07 11.00 -31.60
CA ASN B 121 -12.47 10.89 -31.18
C ASN B 121 -13.05 9.53 -31.57
N ASP B 122 -12.65 8.99 -32.72
CA ASP B 122 -13.22 7.72 -33.18
C ASP B 122 -12.78 6.56 -32.29
N ILE B 123 -11.60 6.62 -31.71
CA ILE B 123 -11.15 5.53 -30.84
C ILE B 123 -11.72 5.68 -29.44
N LEU B 124 -11.83 6.92 -28.96
CA LEU B 124 -12.38 7.16 -27.63
C LEU B 124 -13.89 6.89 -27.58
N ASN B 125 -14.59 7.12 -28.69
CA ASN B 125 -16.04 6.97 -28.73
C ASN B 125 -16.50 5.53 -28.80
N LYS B 126 -15.61 4.59 -29.12
CA LYS B 126 -16.03 3.19 -29.28
C LYS B 126 -16.05 2.44 -27.95
N TYR B 127 -14.94 2.50 -27.20
CA TYR B 127 -14.64 1.47 -26.23
C TYR B 127 -15.24 1.78 -24.86
N THR B 128 -14.84 2.90 -24.27
CA THR B 128 -15.30 3.38 -22.96
C THR B 128 -14.78 2.48 -21.85
N LYS B 129 -14.12 1.38 -22.21
CA LYS B 129 -13.35 0.56 -21.28
C LYS B 129 -11.93 0.64 -21.82
N LEU B 130 -11.22 1.68 -21.41
CA LEU B 130 -9.96 2.08 -22.01
C LEU B 130 -8.75 1.44 -21.34
N ASP B 131 -8.89 0.94 -20.13
CA ASP B 131 -7.76 0.61 -19.27
C ASP B 131 -6.97 -0.62 -19.72
N ASP B 132 -7.16 -1.08 -20.96
CA ASP B 132 -6.30 -2.07 -21.59
C ASP B 132 -5.55 -1.48 -22.77
N ILE B 133 -6.26 -0.83 -23.69
CA ILE B 133 -5.60 -0.12 -24.79
C ILE B 133 -4.72 1.00 -24.22
N ALA B 134 -5.18 1.63 -23.14
CA ALA B 134 -4.35 2.65 -22.47
C ALA B 134 -3.05 2.04 -21.98
N ASN B 135 -3.13 0.89 -21.31
CA ASN B 135 -1.92 0.24 -20.81
C ASN B 135 -0.99 -0.13 -21.95
N SER B 136 -1.52 -0.67 -23.05
CA SER B 136 -0.68 -1.05 -24.18
C SER B 136 -0.01 0.19 -24.79
N PHE B 137 -0.78 1.26 -24.96
CA PHE B 137 -0.24 2.50 -25.51
C PHE B 137 0.86 3.05 -24.62
N ASN B 138 0.65 3.04 -23.30
CA ASN B 138 1.67 3.55 -22.39
C ASN B 138 2.91 2.68 -22.38
N LEU B 139 2.73 1.36 -22.45
CA LEU B 139 3.88 0.46 -22.52
C LEU B 139 4.71 0.73 -23.78
N GLY B 140 4.04 0.81 -24.94
CA GLY B 140 4.76 1.09 -26.17
C GLY B 140 5.45 2.44 -26.14
N LEU B 141 4.74 3.47 -25.68
CA LEU B 141 5.32 4.81 -25.65
C LEU B 141 6.48 4.88 -24.66
N SER B 142 6.40 4.15 -23.55
CA SER B 142 7.51 4.13 -22.60
C SER B 142 8.74 3.45 -23.22
N TYR B 143 8.52 2.35 -23.95
CA TYR B 143 9.63 1.73 -24.65
C TYR B 143 10.25 2.69 -25.65
N MET B 144 9.43 3.45 -26.36
CA MET B 144 9.94 4.41 -27.33
C MET B 144 10.68 5.56 -26.65
N GLU B 145 10.22 5.98 -25.47
CA GLU B 145 10.94 6.98 -24.70
C GLU B 145 12.30 6.45 -24.25
N SER B 146 12.36 5.15 -23.93
CA SER B 146 13.63 4.53 -23.59
C SER B 146 14.52 4.28 -24.80
N LEU B 147 14.04 4.58 -26.01
CA LEU B 147 14.85 4.35 -27.20
C LEU B 147 15.89 5.45 -27.40
N LEU B 148 15.50 6.70 -27.16
CA LEU B 148 16.42 7.83 -27.35
C LEU B 148 17.43 7.90 -26.21
N MET C 1 -22.09 36.14 11.54
CA MET C 1 -21.20 35.39 12.43
C MET C 1 -19.74 35.75 12.17
N ILE C 2 -18.90 35.59 13.18
CA ILE C 2 -17.48 35.88 13.08
C ILE C 2 -16.75 34.56 12.87
N ILE C 3 -16.04 34.43 11.76
CA ILE C 3 -15.39 33.18 11.37
C ILE C 3 -13.89 33.36 11.51
N CYS C 4 -13.23 32.37 12.09
CA CYS C 4 -11.78 32.41 12.35
C CYS C 4 -11.13 31.17 11.76
N SER C 5 -10.35 31.36 10.69
CA SER C 5 -9.66 30.27 10.02
C SER C 5 -8.18 30.32 10.33
N VAL C 6 -7.58 29.18 10.63
CA VAL C 6 -6.22 29.11 11.15
C VAL C 6 -5.39 28.15 10.30
N ASP C 7 -4.25 28.63 9.82
CA ASP C 7 -3.18 27.77 9.35
C ASP C 7 -2.30 27.47 10.56
N ILE C 8 -2.30 26.21 10.99
CA ILE C 8 -1.68 25.80 12.24
C ILE C 8 -0.21 25.48 11.99
N GLY C 9 0.59 25.62 13.05
CA GLY C 9 2.00 25.30 13.00
C GLY C 9 2.80 26.08 14.03
N ILE C 10 3.75 25.42 14.68
CA ILE C 10 4.65 26.15 15.58
C ILE C 10 5.59 27.02 14.78
N LYS C 11 5.84 26.63 13.52
CA LYS C 11 6.74 27.38 12.64
C LYS C 11 6.28 28.82 12.48
N ASN C 12 5.12 29.03 11.88
CA ASN C 12 4.57 30.35 11.60
C ASN C 12 3.05 30.22 11.46
N PRO C 13 2.33 30.17 12.58
CA PRO C 13 0.88 30.06 12.51
C PRO C 13 0.26 31.36 12.01
N ALA C 14 -0.87 31.23 11.33
CA ALA C 14 -1.53 32.39 10.77
C ALA C 14 -3.04 32.25 10.95
N TYR C 15 -3.73 33.38 10.99
CA TYR C 15 -5.17 33.36 11.15
C TYR C 15 -5.83 34.48 10.36
N ALA C 16 -7.02 34.19 9.87
CA ALA C 16 -7.87 35.13 9.15
C ALA C 16 -9.21 35.22 9.88
N ILE C 17 -9.65 36.44 10.15
CA ILE C 17 -10.90 36.71 10.83
C ILE C 17 -11.83 37.41 9.85
N PHE C 18 -12.94 36.75 9.51
CA PHE C 18 -13.96 37.30 8.63
C PHE C 18 -15.21 37.60 9.44
N ASN C 19 -16.05 38.47 8.85
CA ASN C 19 -17.38 38.76 9.34
C ASN C 19 -18.37 38.43 8.24
N TYR C 20 -19.30 37.52 8.54
CA TYR C 20 -20.31 37.09 7.58
C TYR C 20 -21.64 37.69 8.02
N ASP C 21 -22.18 38.58 7.18
CA ASP C 21 -23.47 39.17 7.47
C ASP C 21 -24.55 38.12 7.22
N ASN C 22 -25.30 37.80 8.26
CA ASN C 22 -26.26 36.70 8.18
C ASN C 22 -27.41 37.04 7.25
N THR C 23 -27.82 36.06 6.45
CA THR C 23 -28.93 36.10 5.50
C THR C 23 -28.67 37.01 4.31
N SER C 24 -27.55 37.74 4.28
CA SER C 24 -27.21 38.59 3.14
C SER C 24 -26.03 38.05 2.33
N ASN C 25 -25.30 37.07 2.85
CA ASN C 25 -24.15 36.48 2.17
C ASN C 25 -23.09 37.55 1.85
N THR C 26 -22.81 38.39 2.84
CA THR C 26 -21.85 39.48 2.70
C THR C 26 -20.61 39.14 3.54
N ILE C 27 -19.50 38.86 2.85
CA ILE C 27 -18.25 38.50 3.51
C ILE C 27 -17.41 39.76 3.69
N LYS C 28 -17.09 40.08 4.94
CA LYS C 28 -16.22 41.20 5.26
C LYS C 28 -15.03 40.69 6.06
N LEU C 29 -13.83 40.90 5.53
CA LEU C 29 -12.61 40.50 6.23
C LEU C 29 -12.30 41.48 7.34
N ILE C 30 -12.27 40.98 8.58
CA ILE C 30 -11.92 41.83 9.71
C ILE C 30 -10.42 41.96 9.87
N ALA C 31 -9.71 40.83 9.87
CA ALA C 31 -8.27 40.91 10.10
C ALA C 31 -7.57 39.71 9.49
N ILE C 32 -6.26 39.86 9.30
CA ILE C 32 -5.38 38.77 8.86
C ILE C 32 -4.03 38.98 9.53
N GLU C 33 -3.53 37.94 10.21
CA GLU C 33 -2.31 38.09 10.99
C GLU C 33 -1.48 36.81 10.90
N LYS C 34 -0.18 36.98 11.07
CA LYS C 34 0.77 35.87 11.21
C LYS C 34 1.31 35.93 12.63
N SER C 35 0.82 35.04 13.49
CA SER C 35 1.22 35.05 14.89
C SER C 35 2.45 34.16 15.08
N ASP C 36 2.89 34.05 16.32
CA ASP C 36 4.03 33.21 16.69
C ASP C 36 3.67 32.39 17.92
N TRP C 37 3.82 31.07 17.82
CA TRP C 37 3.57 30.16 18.93
C TRP C 37 4.89 29.48 19.29
N THR C 38 5.79 30.23 19.92
CA THR C 38 7.09 29.70 20.33
C THR C 38 7.15 29.47 21.84
N LYS C 39 6.92 30.52 22.63
CA LYS C 39 7.00 30.43 24.09
C LYS C 39 5.58 30.33 24.64
N ASN C 40 5.33 29.26 25.39
CA ASN C 40 4.02 29.02 26.00
C ASN C 40 2.91 29.02 24.95
N TRP C 41 2.98 28.02 24.07
CA TRP C 41 2.12 27.99 22.90
C TRP C 41 0.64 27.96 23.29
N GLU C 42 0.32 27.37 24.45
CA GLU C 42 -1.08 27.30 24.88
C GLU C 42 -1.64 28.69 25.15
N ARG C 43 -0.90 29.52 25.90
CA ARG C 43 -1.33 30.88 26.18
C ARG C 43 -1.47 31.69 24.89
N SER C 44 -0.48 31.58 24.00
CA SER C 44 -0.52 32.34 22.75
C SER C 44 -1.71 31.91 21.89
N VAL C 45 -1.97 30.60 21.84
CA VAL C 45 -3.09 30.08 21.09
C VAL C 45 -4.41 30.62 21.64
N ALA C 46 -4.59 30.53 22.96
CA ALA C 46 -5.82 31.00 23.57
C ALA C 46 -6.02 32.49 23.31
N ARG C 47 -4.96 33.28 23.44
CA ARG C 47 -5.05 34.71 23.17
C ARG C 47 -5.46 34.98 21.72
N ASP C 48 -4.79 34.32 20.77
CA ASP C 48 -5.07 34.57 19.36
C ASP C 48 -6.48 34.13 18.98
N LEU C 49 -7.00 33.09 19.64
CA LEU C 49 -8.33 32.61 19.27
C LEU C 49 -9.44 33.38 19.95
N THR C 50 -9.21 33.90 21.16
CA THR C 50 -10.22 34.70 21.83
C THR C 50 -10.09 36.20 21.50
N ARG C 51 -9.13 36.58 20.66
CA ARG C 51 -8.96 37.98 20.30
C ARG C 51 -10.25 38.56 19.74
N TYR C 52 -10.79 37.92 18.72
CA TYR C 52 -12.08 38.26 18.14
C TYR C 52 -12.99 37.09 18.46
N ASN C 53 -14.04 37.34 19.25
CA ASN C 53 -14.92 36.29 19.76
C ASN C 53 -15.67 35.61 18.63
N PRO C 54 -15.24 34.42 18.21
CA PRO C 54 -15.79 33.80 17.01
C PRO C 54 -16.99 32.91 17.32
N ASP C 55 -17.69 32.54 16.24
CA ASP C 55 -18.77 31.57 16.30
C ASP C 55 -18.36 30.21 15.75
N VAL C 56 -17.44 30.18 14.79
CA VAL C 56 -16.87 28.96 14.25
C VAL C 56 -15.38 29.16 14.08
N VAL C 57 -14.61 28.09 14.31
CA VAL C 57 -13.17 28.07 14.06
C VAL C 57 -12.87 26.96 13.09
N ILE C 58 -12.17 27.28 12.00
CA ILE C 58 -11.87 26.34 10.93
C ILE C 58 -10.38 26.00 10.98
N LEU C 59 -10.09 24.70 11.06
CA LEU C 59 -8.73 24.19 11.07
C LEU C 59 -8.55 23.18 9.93
N GLU C 60 -7.30 23.00 9.52
CA GLU C 60 -6.96 22.02 8.49
C GLU C 60 -6.38 20.78 9.16
N LYS C 61 -6.94 19.63 8.84
CA LYS C 61 -6.54 18.38 9.48
C LYS C 61 -5.10 18.04 9.09
N GLN C 62 -4.32 17.63 10.09
CA GLN C 62 -2.92 17.28 9.89
C GLN C 62 -2.71 15.80 10.19
N GLY C 63 -1.65 15.24 9.62
CA GLY C 63 -1.26 13.89 9.96
C GLY C 63 -0.60 13.84 11.32
N PHE C 64 -0.61 12.65 11.93
CA PHE C 64 -0.02 12.49 13.27
C PHE C 64 1.50 12.42 13.13
N LYS C 65 2.06 13.56 12.73
CA LYS C 65 3.48 13.73 12.51
C LYS C 65 4.02 15.02 13.09
N SER C 66 3.17 15.89 13.61
CA SER C 66 3.54 17.25 13.96
C SER C 66 2.75 17.66 15.20
N PRO C 67 3.25 18.62 15.98
CA PRO C 67 2.47 19.14 17.10
C PRO C 67 1.21 19.89 16.68
N ASN C 68 1.03 20.15 15.39
CA ASN C 68 -0.20 20.81 14.95
C ASN C 68 -1.42 19.99 15.35
N SER C 69 -1.28 18.67 15.46
CA SER C 69 -2.38 17.85 15.93
C SER C 69 -2.68 18.13 17.40
N LYS C 70 -1.63 18.31 18.21
CA LYS C 70 -1.83 18.65 19.61
C LYS C 70 -2.50 20.01 19.73
N ILE C 71 -2.18 20.93 18.82
CA ILE C 71 -2.86 22.22 18.81
C ILE C 71 -4.33 22.06 18.43
N ILE C 72 -4.62 21.17 17.47
CA ILE C 72 -6.00 20.92 17.07
C ILE C 72 -6.81 20.42 18.25
N TYR C 73 -6.28 19.43 18.97
CA TYR C 73 -7.03 18.88 20.11
C TYR C 73 -7.11 19.89 21.26
N PHE C 74 -6.08 20.73 21.41
CA PHE C 74 -6.18 21.83 22.37
C PHE C 74 -7.32 22.75 22.01
N ILE C 75 -7.48 23.05 20.72
CA ILE C 75 -8.56 23.95 20.29
C ILE C 75 -9.92 23.31 20.57
N LYS C 76 -10.04 22.01 20.26
CA LYS C 76 -11.28 21.30 20.52
C LYS C 76 -11.65 21.35 21.99
N GLY C 77 -10.70 21.05 22.87
CA GLY C 77 -10.98 21.12 24.29
C GLY C 77 -11.29 22.54 24.75
N PHE C 78 -10.59 23.52 24.16
CA PHE C 78 -10.74 24.90 24.57
C PHE C 78 -12.16 25.40 24.30
N PHE C 79 -12.64 25.21 23.07
CA PHE C 79 -13.97 25.67 22.71
C PHE C 79 -15.07 24.64 22.97
N TYR C 80 -14.72 23.50 23.58
CA TYR C 80 -15.73 22.45 23.80
C TYR C 80 -16.84 22.91 24.71
N ASN C 81 -16.50 23.67 25.75
CA ASN C 81 -17.47 24.15 26.73
C ASN C 81 -18.78 24.59 26.10
N SER C 82 -18.72 25.60 25.22
CA SER C 82 -19.90 26.09 24.53
C SER C 82 -19.56 27.17 23.50
N ASN C 83 -20.59 27.68 22.82
CA ASN C 83 -20.57 28.95 22.09
C ASN C 83 -19.77 28.90 20.79
N THR C 84 -19.09 27.79 20.51
CA THR C 84 -18.22 27.76 19.35
C THR C 84 -18.31 26.40 18.68
N LYS C 85 -18.20 26.40 17.36
CA LYS C 85 -18.20 25.17 16.57
C LYS C 85 -16.84 25.06 15.91
N VAL C 86 -15.93 24.30 16.50
CA VAL C 86 -14.65 24.01 15.89
C VAL C 86 -14.86 22.94 14.83
N ILE C 87 -14.45 23.23 13.60
CA ILE C 87 -14.58 22.30 12.48
C ILE C 87 -13.20 22.08 11.89
N VAL C 88 -12.84 20.81 11.71
CA VAL C 88 -11.54 20.44 11.16
C VAL C 88 -11.76 19.89 9.77
N ARG C 89 -11.42 20.67 8.76
CA ARG C 89 -11.57 20.26 7.37
C ARG C 89 -10.23 19.79 6.83
N ASN C 90 -10.28 18.77 5.97
CA ASN C 90 -9.09 18.33 5.28
C ASN C 90 -8.54 19.46 4.40
N PRO C 91 -7.24 19.43 4.09
CA PRO C 91 -6.68 20.46 3.21
C PRO C 91 -7.43 20.50 1.90
N THR C 92 -8.00 21.68 1.60
CA THR C 92 -8.91 21.85 0.48
C THR C 92 -8.36 21.30 -0.84
N PHE C 93 -7.23 21.83 -1.30
CA PHE C 93 -6.62 21.32 -2.53
C PHE C 93 -6.01 19.94 -2.32
N LYS C 94 -6.85 18.91 -2.44
CA LYS C 94 -6.38 17.53 -2.36
C LYS C 94 -6.27 16.99 -3.79
N GLY C 95 -5.29 17.53 -4.51
CA GLY C 95 -5.02 17.07 -5.85
C GLY C 95 -3.75 17.68 -6.38
N GLY C 96 -3.42 17.28 -7.61
CA GLY C 96 -2.23 17.76 -8.31
C GLY C 96 -0.91 17.67 -7.58
N SER C 97 0.08 18.39 -8.10
CA SER C 97 1.42 18.38 -7.53
C SER C 97 1.42 19.08 -6.16
N TYR C 98 2.45 18.75 -5.37
CA TYR C 98 2.65 19.45 -4.11
C TYR C 98 3.21 20.85 -4.34
N ARG C 99 4.06 21.01 -5.35
CA ARG C 99 4.58 22.34 -5.66
C ARG C 99 3.48 23.24 -6.20
N ASN C 100 2.52 22.67 -6.93
CA ASN C 100 1.37 23.44 -7.40
C ASN C 100 0.32 23.64 -6.32
N ARG C 101 0.43 22.93 -5.18
CA ARG C 101 -0.49 23.14 -4.08
C ARG C 101 -0.44 24.59 -3.60
N LYS C 102 0.76 25.20 -3.59
CA LYS C 102 0.89 26.60 -3.25
C LYS C 102 0.48 27.50 -4.40
N LYS C 103 0.74 27.09 -5.65
CA LYS C 103 0.48 27.94 -6.79
C LYS C 103 -1.01 28.25 -6.92
N GLN C 104 -1.84 27.21 -7.01
CA GLN C 104 -3.28 27.42 -7.13
C GLN C 104 -3.85 28.11 -5.89
N SER C 105 -3.30 27.79 -4.71
CA SER C 105 -3.75 28.44 -3.48
C SER C 105 -3.55 29.96 -3.56
N ILE C 106 -2.32 30.40 -3.82
CA ILE C 106 -2.06 31.83 -3.88
C ILE C 106 -2.76 32.44 -5.08
N ASP C 107 -3.04 31.65 -6.12
CA ASP C 107 -3.77 32.16 -7.27
C ASP C 107 -5.20 32.53 -6.89
N VAL C 108 -5.90 31.60 -6.24
CA VAL C 108 -7.27 31.88 -5.77
C VAL C 108 -7.23 33.03 -4.76
N PHE C 109 -6.18 33.07 -3.94
CA PHE C 109 -6.00 34.17 -3.00
C PHE C 109 -5.97 35.50 -3.73
N ILE C 110 -4.95 35.72 -4.57
CA ILE C 110 -4.80 36.97 -5.31
C ILE C 110 -6.01 37.25 -6.20
N GLN C 111 -6.80 36.22 -6.52
CA GLN C 111 -8.01 36.43 -7.31
C GLN C 111 -9.12 37.06 -6.48
N LYS C 112 -9.28 36.63 -5.23
CA LYS C 112 -10.42 37.07 -4.42
C LYS C 112 -10.07 38.00 -3.25
N ILE C 113 -8.82 38.42 -3.10
CA ILE C 113 -8.48 39.24 -1.94
C ILE C 113 -9.07 40.65 -2.07
N SER C 114 -9.10 41.20 -3.29
CA SER C 114 -9.43 42.61 -3.44
C SER C 114 -10.87 42.94 -3.07
N GLU C 115 -11.79 42.00 -3.30
CA GLU C 115 -13.22 42.24 -3.16
C GLU C 115 -13.72 42.18 -1.72
N TYR C 116 -12.85 42.06 -0.71
CA TYR C 116 -13.29 41.78 0.64
C TYR C 116 -12.93 42.82 1.70
N THR C 117 -11.89 43.62 1.51
CA THR C 117 -11.43 44.47 2.60
C THR C 117 -11.69 45.95 2.38
N ASP C 118 -11.52 46.45 1.15
CA ASP C 118 -11.68 47.86 0.81
C ASP C 118 -10.72 48.78 1.58
N TYR C 119 -9.83 48.18 2.37
CA TYR C 119 -8.75 48.87 3.07
C TYR C 119 -7.44 48.15 2.79
N LYS C 120 -7.21 47.80 1.54
CA LYS C 120 -6.07 47.01 1.12
C LYS C 120 -4.80 47.83 0.97
N ASN C 121 -4.77 49.06 1.48
CA ASN C 121 -3.56 49.88 1.40
C ASN C 121 -2.48 49.35 2.33
N ASP C 122 -2.75 49.35 3.63
CA ASP C 122 -1.80 48.81 4.60
C ASP C 122 -1.54 47.33 4.37
N ILE C 123 -2.51 46.61 3.82
CA ILE C 123 -2.32 45.19 3.60
C ILE C 123 -1.49 44.94 2.35
N LEU C 124 -1.64 45.77 1.32
CA LEU C 124 -0.82 45.61 0.12
C LEU C 124 0.62 46.03 0.42
N ASN C 125 0.80 47.06 1.23
CA ASN C 125 2.14 47.51 1.59
C ASN C 125 2.72 46.70 2.75
N LYS C 126 1.93 45.82 3.36
CA LYS C 126 2.31 45.22 4.64
C LYS C 126 3.38 44.16 4.47
N TYR C 127 3.08 43.12 3.69
CA TYR C 127 3.91 41.91 3.70
C TYR C 127 4.22 41.46 2.29
N THR C 128 5.42 40.91 2.12
CA THR C 128 5.87 40.39 0.83
C THR C 128 5.75 38.86 0.78
N LYS C 129 5.35 38.23 1.89
CA LYS C 129 5.21 36.78 1.97
C LYS C 129 3.75 36.40 2.14
N LEU C 130 3.41 35.22 1.62
CA LEU C 130 2.02 34.78 1.54
C LEU C 130 1.77 33.34 1.97
N ASP C 131 2.78 32.46 1.98
CA ASP C 131 2.45 31.04 2.00
C ASP C 131 1.92 30.52 3.34
N ASP C 132 1.53 31.37 4.29
CA ASP C 132 0.78 30.96 5.46
C ASP C 132 -0.59 31.61 5.52
N ILE C 133 -0.63 32.93 5.41
CA ILE C 133 -1.90 33.66 5.38
C ILE C 133 -2.71 33.26 4.16
N ALA C 134 -2.05 32.95 3.04
CA ALA C 134 -2.77 32.46 1.87
C ALA C 134 -3.51 31.17 2.19
N ASN C 135 -2.82 30.23 2.83
CA ASN C 135 -3.46 28.97 3.20
C ASN C 135 -4.63 29.18 4.14
N SER C 136 -4.44 30.05 5.15
CA SER C 136 -5.53 30.31 6.09
C SER C 136 -6.72 30.95 5.40
N PHE C 137 -6.46 31.95 4.54
CA PHE C 137 -7.53 32.63 3.81
C PHE C 137 -8.26 31.66 2.88
N ASN C 138 -7.53 30.77 2.22
CA ASN C 138 -8.17 29.81 1.31
C ASN C 138 -9.04 28.84 2.09
N LEU C 139 -8.57 28.38 3.25
CA LEU C 139 -9.40 27.51 4.10
C LEU C 139 -10.67 28.22 4.52
N GLY C 140 -10.53 29.46 5.01
CA GLY C 140 -11.70 30.22 5.43
C GLY C 140 -12.68 30.43 4.30
N LEU C 141 -12.19 30.84 3.12
CA LEU C 141 -13.07 31.08 1.99
C LEU C 141 -13.74 29.80 1.50
N SER C 142 -13.04 28.66 1.58
CA SER C 142 -13.67 27.40 1.21
C SER C 142 -14.81 27.08 2.18
N TYR C 143 -14.60 27.32 3.47
CA TYR C 143 -15.70 27.14 4.41
C TYR C 143 -16.85 28.11 4.09
N MET C 144 -16.52 29.34 3.68
CA MET C 144 -17.55 30.32 3.39
C MET C 144 -18.39 29.89 2.20
N GLU C 145 -17.75 29.30 1.19
CA GLU C 145 -18.49 28.76 0.05
C GLU C 145 -19.33 27.56 0.47
N SER C 146 -18.80 26.73 1.37
CA SER C 146 -19.54 25.59 1.90
C SER C 146 -20.60 25.99 2.93
N LEU C 147 -20.70 27.28 3.27
CA LEU C 147 -21.67 27.71 4.28
C LEU C 147 -23.08 27.74 3.73
N LEU C 148 -23.27 28.25 2.51
CA LEU C 148 -24.60 28.31 1.93
C LEU C 148 -24.91 27.03 1.14
N ILE D 2 9.99 -39.41 -35.81
CA ILE D 2 11.03 -39.24 -34.80
C ILE D 2 10.41 -38.65 -33.52
N ILE D 3 10.58 -39.37 -32.43
CA ILE D 3 9.94 -39.06 -31.15
C ILE D 3 11.00 -38.51 -30.20
N CYS D 4 10.65 -37.45 -29.48
CA CYS D 4 11.55 -36.80 -28.52
C CYS D 4 10.83 -36.67 -27.19
N SER D 5 11.26 -37.43 -26.18
CA SER D 5 10.65 -37.40 -24.87
C SER D 5 11.56 -36.66 -23.90
N VAL D 6 10.99 -35.74 -23.12
CA VAL D 6 11.76 -34.82 -22.29
C VAL D 6 11.25 -34.89 -20.87
N ASP D 7 12.16 -35.13 -19.92
CA ASP D 7 11.92 -34.86 -18.51
C ASP D 7 12.36 -33.44 -18.21
N ILE D 8 11.40 -32.58 -17.88
CA ILE D 8 11.64 -31.16 -17.66
C ILE D 8 11.97 -30.95 -16.18
N GLY D 9 12.72 -29.90 -15.89
CA GLY D 9 13.03 -29.58 -14.52
C GLY D 9 14.33 -28.84 -14.34
N ILE D 10 14.35 -27.84 -13.43
CA ILE D 10 15.61 -27.18 -13.11
C ILE D 10 16.54 -28.10 -12.34
N LYS D 11 16.00 -29.22 -11.84
CA LYS D 11 16.77 -30.25 -11.15
C LYS D 11 17.79 -30.90 -12.07
N ASN D 12 17.32 -31.60 -13.10
CA ASN D 12 18.14 -32.38 -14.02
C ASN D 12 17.33 -32.68 -15.27
N PRO D 13 17.25 -31.76 -16.21
CA PRO D 13 16.47 -32.03 -17.43
C PRO D 13 17.17 -33.04 -18.32
N ALA D 14 16.36 -33.87 -18.98
CA ALA D 14 16.87 -34.93 -19.83
C ALA D 14 15.98 -35.09 -21.06
N TYR D 15 16.57 -35.62 -22.13
CA TYR D 15 15.81 -35.87 -23.34
C TYR D 15 16.31 -37.13 -24.04
N ALA D 16 15.37 -37.87 -24.63
CA ALA D 16 15.64 -39.07 -25.41
C ALA D 16 15.03 -38.95 -26.79
N ILE D 17 15.81 -39.25 -27.81
CA ILE D 17 15.39 -39.16 -29.21
C ILE D 17 15.36 -40.58 -29.79
N PHE D 18 14.17 -41.04 -30.15
CA PHE D 18 13.92 -42.33 -30.77
C PHE D 18 13.35 -42.13 -32.18
N ASN D 19 13.40 -43.18 -33.00
CA ASN D 19 12.60 -43.25 -34.22
C ASN D 19 11.77 -44.53 -34.16
N TYR D 20 10.45 -44.38 -34.11
CA TYR D 20 9.54 -45.52 -34.00
C TYR D 20 8.67 -45.68 -35.24
N ASP D 21 8.80 -46.82 -35.91
CA ASP D 21 7.90 -47.17 -37.00
C ASP D 21 6.57 -47.59 -36.40
N ASN D 22 5.49 -46.90 -36.78
CA ASN D 22 4.20 -47.10 -36.14
C ASN D 22 3.61 -48.47 -36.47
N THR D 23 3.13 -49.17 -35.43
CA THR D 23 2.43 -50.44 -35.57
C THR D 23 3.30 -51.56 -36.15
N SER D 24 4.57 -51.25 -36.43
CA SER D 24 5.49 -52.22 -36.99
C SER D 24 6.48 -52.79 -35.98
N ASN D 25 6.53 -52.22 -34.78
CA ASN D 25 7.45 -52.66 -33.72
C ASN D 25 8.90 -52.60 -34.18
N THR D 26 9.25 -51.52 -34.90
CA THR D 26 10.61 -51.29 -35.36
C THR D 26 11.11 -50.08 -34.56
N ILE D 27 11.62 -50.36 -33.37
CA ILE D 27 12.08 -49.32 -32.46
C ILE D 27 13.58 -49.10 -32.66
N LYS D 28 13.97 -47.83 -32.76
CA LYS D 28 15.38 -47.44 -32.86
C LYS D 28 15.61 -46.29 -31.89
N LEU D 29 16.52 -46.49 -30.94
CA LEU D 29 16.89 -45.45 -30.00
C LEU D 29 18.09 -44.70 -30.58
N ILE D 30 17.91 -43.40 -30.83
CA ILE D 30 19.01 -42.60 -31.36
C ILE D 30 19.90 -42.09 -30.23
N ALA D 31 19.30 -41.43 -29.24
CA ALA D 31 20.12 -40.86 -28.19
C ALA D 31 19.34 -40.72 -26.89
N ILE D 32 20.07 -40.61 -25.79
CA ILE D 32 19.53 -40.32 -24.48
C ILE D 32 20.56 -39.50 -23.72
N GLU D 33 20.17 -38.32 -23.24
CA GLU D 33 21.12 -37.41 -22.61
C GLU D 33 20.46 -36.70 -21.44
N LYS D 34 21.28 -36.32 -20.48
CA LYS D 34 20.88 -35.43 -19.38
C LYS D 34 21.62 -34.11 -19.57
N SER D 35 20.88 -33.08 -19.97
CA SER D 35 21.48 -31.79 -20.27
C SER D 35 21.39 -30.88 -19.05
N ASP D 36 21.82 -29.63 -19.23
CA ASP D 36 21.77 -28.64 -18.16
C ASP D 36 21.10 -27.39 -18.72
N TRP D 37 20.01 -26.97 -18.09
CA TRP D 37 19.29 -25.76 -18.47
C TRP D 37 19.30 -24.79 -17.29
N THR D 38 20.44 -24.17 -17.07
CA THR D 38 20.67 -23.15 -16.06
C THR D 38 21.36 -21.92 -16.64
N LYS D 39 22.26 -22.12 -17.60
CA LYS D 39 22.90 -21.04 -18.33
C LYS D 39 22.16 -20.86 -19.65
N ASN D 40 21.66 -19.63 -19.88
CA ASN D 40 20.85 -19.29 -21.06
C ASN D 40 19.86 -20.40 -21.38
N TRP D 41 18.94 -20.63 -20.44
CA TRP D 41 18.11 -21.82 -20.48
C TRP D 41 17.22 -21.85 -21.73
N GLU D 42 16.71 -20.70 -22.16
CA GLU D 42 15.89 -20.69 -23.37
C GLU D 42 16.74 -20.99 -24.60
N ARG D 43 17.90 -20.34 -24.71
CA ARG D 43 18.83 -20.67 -25.79
C ARG D 43 19.25 -22.13 -25.71
N SER D 44 19.56 -22.60 -24.50
CA SER D 44 19.99 -23.99 -24.33
C SER D 44 18.86 -24.96 -24.70
N VAL D 45 17.62 -24.63 -24.34
CA VAL D 45 16.49 -25.49 -24.68
C VAL D 45 16.33 -25.58 -26.19
N ALA D 46 16.34 -24.43 -26.88
CA ALA D 46 16.21 -24.44 -28.33
C ALA D 46 17.35 -25.21 -28.98
N ARG D 47 18.58 -25.01 -28.49
CA ARG D 47 19.73 -25.71 -29.04
C ARG D 47 19.59 -27.22 -28.87
N ASP D 48 19.14 -27.66 -27.69
CA ASP D 48 18.99 -29.09 -27.45
C ASP D 48 17.82 -29.68 -28.23
N LEU D 49 16.79 -28.89 -28.50
CA LEU D 49 15.62 -29.40 -29.20
C LEU D 49 15.80 -29.42 -30.71
N THR D 50 16.63 -28.55 -31.25
CA THR D 50 16.89 -28.54 -32.69
C THR D 50 18.02 -29.46 -33.13
N ARG D 51 18.66 -30.19 -32.20
CA ARG D 51 19.74 -31.08 -32.59
C ARG D 51 19.29 -32.09 -33.63
N TYR D 52 18.31 -32.91 -33.28
CA TYR D 52 17.66 -33.86 -34.19
C TYR D 52 16.19 -33.49 -34.30
N ASN D 53 15.91 -32.50 -35.16
CA ASN D 53 14.58 -31.91 -35.40
C ASN D 53 13.49 -32.96 -35.28
N PRO D 54 12.71 -32.94 -34.19
CA PRO D 54 11.76 -34.02 -33.93
C PRO D 54 10.40 -33.75 -34.57
N ASP D 55 9.56 -34.79 -34.55
CA ASP D 55 8.18 -34.68 -35.00
C ASP D 55 7.19 -34.59 -33.85
N VAL D 56 7.49 -35.18 -32.71
CA VAL D 56 6.66 -35.09 -31.52
C VAL D 56 7.57 -34.88 -30.31
N VAL D 57 7.12 -34.07 -29.37
CA VAL D 57 7.82 -33.83 -28.11
C VAL D 57 6.92 -34.24 -26.96
N ILE D 58 7.43 -35.09 -26.08
CA ILE D 58 6.66 -35.63 -24.95
C ILE D 58 7.15 -34.96 -23.68
N LEU D 59 6.22 -34.36 -22.94
CA LEU D 59 6.52 -33.70 -21.68
C LEU D 59 5.66 -34.26 -20.56
N GLU D 60 6.12 -34.06 -19.32
CA GLU D 60 5.36 -34.44 -18.14
C GLU D 60 4.68 -33.20 -17.57
N LYS D 61 3.36 -33.27 -17.42
CA LYS D 61 2.63 -32.13 -16.88
C LYS D 61 2.91 -31.96 -15.39
N GLN D 62 3.30 -30.76 -14.98
CA GLN D 62 3.48 -30.45 -13.57
C GLN D 62 2.64 -29.23 -13.20
N GLY D 63 2.28 -29.14 -11.93
CA GLY D 63 1.61 -27.97 -11.39
C GLY D 63 2.59 -26.84 -11.12
N PHE D 64 2.32 -26.09 -10.06
CA PHE D 64 3.19 -24.99 -9.63
C PHE D 64 4.41 -25.49 -8.87
N LYS D 65 4.63 -26.80 -8.82
CA LYS D 65 5.69 -27.38 -8.02
C LYS D 65 7.06 -26.82 -8.37
N SER D 66 7.27 -26.47 -9.64
CA SER D 66 8.60 -26.10 -10.12
C SER D 66 8.44 -25.11 -11.26
N PRO D 67 9.45 -24.26 -11.50
CA PRO D 67 9.43 -23.36 -12.66
C PRO D 67 9.49 -24.10 -14.00
N ASN D 68 9.65 -25.42 -14.01
CA ASN D 68 9.73 -26.19 -15.24
C ASN D 68 8.50 -26.00 -16.14
N SER D 69 7.38 -25.53 -15.59
CA SER D 69 6.21 -25.27 -16.42
C SER D 69 6.49 -24.18 -17.45
N LYS D 70 7.29 -23.18 -17.08
CA LYS D 70 7.66 -22.14 -18.03
C LYS D 70 8.39 -22.73 -19.22
N ILE D 71 9.19 -23.78 -19.00
CA ILE D 71 9.84 -24.47 -20.11
C ILE D 71 8.80 -25.16 -20.97
N ILE D 72 7.77 -25.72 -20.34
CA ILE D 72 6.69 -26.38 -21.10
C ILE D 72 6.04 -25.39 -22.05
N TYR D 73 5.67 -24.22 -21.53
CA TYR D 73 5.00 -23.25 -22.39
C TYR D 73 5.93 -22.64 -23.42
N PHE D 74 7.22 -22.47 -23.09
CA PHE D 74 8.19 -22.03 -24.09
C PHE D 74 8.31 -23.03 -25.22
N ILE D 75 8.36 -24.32 -24.90
CA ILE D 75 8.47 -25.35 -25.93
C ILE D 75 7.20 -25.38 -26.78
N LYS D 76 6.04 -25.24 -26.14
CA LYS D 76 4.79 -25.18 -26.89
C LYS D 76 4.81 -24.01 -27.88
N GLY D 77 5.25 -22.84 -27.42
CA GLY D 77 5.32 -21.70 -28.33
C GLY D 77 6.33 -21.87 -29.45
N PHE D 78 7.49 -22.47 -29.14
CA PHE D 78 8.56 -22.58 -30.13
C PHE D 78 8.14 -23.46 -31.31
N PHE D 79 7.66 -24.67 -31.02
CA PHE D 79 7.28 -25.66 -32.02
C PHE D 79 5.83 -25.55 -32.47
N TYR D 80 5.14 -24.46 -32.15
CA TYR D 80 3.71 -24.33 -32.45
C TYR D 80 3.38 -24.44 -33.94
N ASN D 81 3.84 -23.50 -34.76
CA ASN D 81 3.51 -23.56 -36.17
C ASN D 81 4.37 -24.59 -36.90
N SER D 82 5.54 -24.90 -36.37
CA SER D 82 6.44 -25.87 -36.99
C SER D 82 5.75 -27.24 -37.11
N ASN D 83 6.34 -28.09 -37.96
CA ASN D 83 5.73 -29.38 -38.27
C ASN D 83 5.54 -30.25 -37.05
N THR D 84 6.36 -30.05 -36.01
CA THR D 84 6.29 -30.88 -34.83
C THR D 84 5.03 -30.56 -34.02
N LYS D 85 4.63 -31.52 -33.18
CA LYS D 85 3.45 -31.40 -32.34
C LYS D 85 3.83 -31.76 -30.91
N VAL D 86 3.69 -30.81 -30.00
CA VAL D 86 4.06 -31.00 -28.60
C VAL D 86 2.83 -31.45 -27.83
N ILE D 87 2.95 -32.59 -27.13
CA ILE D 87 1.87 -33.14 -26.32
C ILE D 87 2.37 -33.33 -24.90
N VAL D 88 1.57 -32.89 -23.93
CA VAL D 88 1.89 -32.95 -22.51
C VAL D 88 1.02 -34.02 -21.86
N ARG D 89 1.66 -35.08 -21.36
CA ARG D 89 0.94 -36.18 -20.74
C ARG D 89 0.78 -35.93 -19.25
N ASN D 90 -0.37 -36.35 -18.71
CA ASN D 90 -0.59 -36.23 -17.28
C ASN D 90 0.45 -37.05 -16.51
N PRO D 91 0.83 -36.62 -15.31
CA PRO D 91 1.80 -37.40 -14.53
C PRO D 91 1.29 -38.75 -14.06
N THR D 92 1.81 -39.82 -14.66
CA THR D 92 1.84 -41.11 -13.98
C THR D 92 2.69 -41.02 -12.72
N PHE D 93 3.95 -40.58 -12.91
CA PHE D 93 4.92 -40.36 -11.84
C PHE D 93 4.30 -39.74 -10.59
N LYS D 94 4.79 -40.21 -9.44
CA LYS D 94 4.33 -39.81 -8.11
C LYS D 94 2.85 -40.11 -7.93
N GLY D 95 2.57 -41.41 -7.85
CA GLY D 95 1.25 -41.91 -7.57
C GLY D 95 1.27 -42.67 -6.27
N GLY D 96 0.67 -42.13 -5.21
CA GLY D 96 0.75 -42.74 -3.91
C GLY D 96 2.14 -42.60 -3.33
N SER D 97 2.82 -43.72 -3.13
CA SER D 97 4.15 -43.70 -2.54
C SER D 97 5.16 -43.06 -3.50
N TYR D 98 6.32 -42.69 -2.96
CA TYR D 98 7.38 -42.07 -3.74
C TYR D 98 8.64 -42.92 -3.79
N ARG D 99 8.60 -44.14 -3.27
CA ARG D 99 9.76 -45.03 -3.22
C ARG D 99 9.64 -46.18 -4.22
N ASN D 100 9.11 -45.89 -5.41
CA ASN D 100 8.86 -46.91 -6.42
C ASN D 100 9.70 -46.74 -7.67
N ARG D 101 10.71 -45.87 -7.65
CA ARG D 101 11.53 -45.64 -8.84
C ARG D 101 12.26 -46.92 -9.25
N LYS D 102 13.11 -47.44 -8.35
CA LYS D 102 14.05 -48.52 -8.65
C LYS D 102 13.46 -49.61 -9.53
N LYS D 103 12.32 -50.16 -9.12
CA LYS D 103 11.73 -51.32 -9.80
C LYS D 103 11.55 -51.03 -11.28
N GLN D 104 10.67 -50.08 -11.60
CA GLN D 104 10.34 -49.84 -13.00
C GLN D 104 11.54 -49.28 -13.76
N SER D 105 12.33 -48.40 -13.12
CA SER D 105 13.47 -47.81 -13.82
C SER D 105 14.47 -48.89 -14.26
N ILE D 106 15.03 -49.63 -13.30
CA ILE D 106 16.06 -50.60 -13.66
C ILE D 106 15.47 -51.75 -14.46
N ASP D 107 14.20 -52.10 -14.24
CA ASP D 107 13.62 -53.21 -14.98
C ASP D 107 13.44 -52.85 -16.45
N VAL D 108 12.78 -51.73 -16.73
CA VAL D 108 12.57 -51.33 -18.12
C VAL D 108 13.90 -51.03 -18.80
N PHE D 109 14.86 -50.45 -18.07
CA PHE D 109 16.16 -50.21 -18.68
C PHE D 109 16.83 -51.52 -19.08
N ILE D 110 17.15 -52.36 -18.09
CA ILE D 110 17.87 -53.60 -18.33
C ILE D 110 17.13 -54.51 -19.29
N GLN D 111 15.80 -54.35 -19.42
CA GLN D 111 15.07 -55.21 -20.34
C GLN D 111 15.11 -54.67 -21.76
N LYS D 112 14.92 -53.37 -21.96
CA LYS D 112 14.56 -52.89 -23.28
C LYS D 112 15.51 -51.87 -23.90
N ILE D 113 16.57 -51.44 -23.21
CA ILE D 113 17.43 -50.47 -23.88
C ILE D 113 18.31 -51.14 -24.94
N SER D 114 18.74 -52.39 -24.69
CA SER D 114 19.77 -53.01 -25.50
C SER D 114 19.34 -53.29 -26.95
N GLU D 115 18.08 -53.62 -27.17
CA GLU D 115 17.65 -54.05 -28.50
C GLU D 115 17.44 -52.91 -29.48
N TYR D 116 17.73 -51.67 -29.10
CA TYR D 116 17.39 -50.52 -29.92
C TYR D 116 18.59 -49.68 -30.30
N THR D 117 19.61 -49.64 -29.46
CA THR D 117 20.78 -48.80 -29.63
C THR D 117 22.07 -49.59 -29.83
N ASP D 118 22.18 -50.78 -29.25
CA ASP D 118 23.38 -51.61 -29.21
C ASP D 118 24.49 -50.96 -28.37
N TYR D 119 24.18 -49.90 -27.63
CA TYR D 119 25.13 -49.23 -26.75
C TYR D 119 24.57 -49.15 -25.34
N LYS D 120 24.08 -50.28 -24.83
CA LYS D 120 23.49 -50.31 -23.48
C LYS D 120 24.50 -49.85 -22.43
N ASN D 121 25.59 -50.60 -22.27
CA ASN D 121 26.55 -50.29 -21.22
C ASN D 121 27.42 -49.10 -21.56
N ASP D 122 27.47 -48.68 -22.83
CA ASP D 122 28.26 -47.50 -23.19
C ASP D 122 27.74 -46.26 -22.47
N ILE D 123 26.44 -46.18 -22.25
CA ILE D 123 25.85 -45.09 -21.49
C ILE D 123 25.86 -45.40 -19.98
N LEU D 124 25.68 -46.68 -19.62
CA LEU D 124 25.61 -47.07 -18.22
C LEU D 124 26.93 -46.87 -17.49
N ASN D 125 28.07 -46.99 -18.18
CA ASN D 125 29.34 -46.86 -17.49
C ASN D 125 29.73 -45.41 -17.19
N LYS D 126 29.00 -44.43 -17.71
CA LYS D 126 29.34 -43.03 -17.46
C LYS D 126 28.12 -42.14 -17.19
N TYR D 127 26.93 -42.70 -17.01
CA TYR D 127 25.75 -41.96 -16.59
C TYR D 127 25.18 -42.51 -15.29
N THR D 128 24.90 -41.62 -14.34
CA THR D 128 24.32 -41.98 -13.06
C THR D 128 23.62 -40.74 -12.52
N LYS D 129 22.29 -40.78 -12.43
CA LYS D 129 21.51 -39.67 -11.92
C LYS D 129 20.20 -40.23 -11.35
N LEU D 130 19.47 -39.37 -10.65
CA LEU D 130 18.37 -39.85 -9.81
C LEU D 130 17.09 -40.10 -10.59
N ASP D 131 16.50 -39.04 -11.15
CA ASP D 131 15.13 -39.09 -11.65
C ASP D 131 14.99 -38.32 -12.95
N ASP D 132 15.98 -38.42 -13.83
CA ASP D 132 15.90 -37.81 -15.14
C ASP D 132 15.78 -38.82 -16.28
N ILE D 133 16.72 -39.76 -16.36
CA ILE D 133 16.63 -40.80 -17.38
C ILE D 133 15.39 -41.65 -17.15
N ALA D 134 15.03 -41.88 -15.89
CA ALA D 134 13.82 -42.66 -15.60
C ALA D 134 12.58 -41.97 -16.15
N ASN D 135 12.39 -40.70 -15.80
CA ASN D 135 11.19 -39.99 -16.26
C ASN D 135 11.17 -39.86 -17.78
N SER D 136 12.27 -39.43 -18.38
CA SER D 136 12.26 -39.22 -19.83
C SER D 136 12.08 -40.51 -20.60
N PHE D 137 12.88 -41.53 -20.28
CA PHE D 137 12.78 -42.79 -21.01
C PHE D 137 11.42 -43.46 -20.77
N ASN D 138 10.91 -43.41 -19.54
CA ASN D 138 9.62 -44.04 -19.27
C ASN D 138 8.49 -43.32 -20.00
N LEU D 139 8.51 -41.98 -20.04
CA LEU D 139 7.50 -41.27 -20.81
C LEU D 139 7.55 -41.65 -22.28
N GLY D 140 8.75 -41.62 -22.86
CA GLY D 140 8.88 -41.97 -24.27
C GLY D 140 8.44 -43.39 -24.56
N LEU D 141 8.93 -44.34 -23.76
CA LEU D 141 8.61 -45.75 -23.98
C LEU D 141 7.13 -46.02 -23.76
N SER D 142 6.51 -45.36 -22.78
CA SER D 142 5.08 -45.55 -22.56
C SER D 142 4.27 -45.00 -23.73
N TYR D 143 4.66 -43.84 -24.25
CA TYR D 143 3.98 -43.31 -25.44
C TYR D 143 4.13 -44.25 -26.62
N MET D 144 5.33 -44.82 -26.81
CA MET D 144 5.55 -45.70 -27.96
C MET D 144 4.85 -47.04 -27.80
N GLU D 145 4.82 -47.60 -26.59
CA GLU D 145 4.11 -48.86 -26.35
C GLU D 145 2.61 -48.69 -26.47
N SER D 146 2.07 -47.57 -25.98
CA SER D 146 0.66 -47.28 -26.14
C SER D 146 0.30 -46.81 -27.54
N LEU D 147 1.30 -46.62 -28.40
CA LEU D 147 1.08 -46.17 -29.77
C LEU D 147 0.63 -47.31 -30.67
#